data_1A7X
#
_entry.id   1A7X
#
_cell.length_a   133.590
_cell.length_b   40.510
_cell.length_c   93.130
_cell.angle_alpha   90.00
_cell.angle_beta   90.00
_cell.angle_gamma   90.00
#
_symmetry.space_group_name_H-M   'C 2 2 21'
#
loop_
_entity.id
_entity.type
_entity.pdbx_description
1 polymer FKBP12
2 non-polymer 'BENZYL-CARBAMIC ACID [8-DEETHYL-ASCOMYCIN-8-YL]ETHYL ESTER'
3 water water
#
_entity_poly.entity_id   1
_entity_poly.type   'polypeptide(L)'
_entity_poly.pdbx_seq_one_letter_code
;GVQVETISPGDGRTFPKRGQTCVVHYTGMLEDGKKFDSSRDRNKPFKFMLGKQEVIRGWEEGVAQMSVGQRAKLTISPDY
AYGATGHPGIIPPHATLVFDVELLKLE
;
_entity_poly.pdbx_strand_id   A,B
#
loop_
_chem_comp.id
_chem_comp.type
_chem_comp.name
_chem_comp.formula
FKA non-polymer 'BENZYL-CARBAMIC ACID [8-DEETHYL-ASCOMYCIN-8-YL]ETHYL ESTER' 'C51 H76 N2 O14'
#
# COMPACT_ATOMS: atom_id res chain seq x y z
N GLY A 1 19.53 2.27 -6.84
CA GLY A 1 19.28 3.16 -5.74
C GLY A 1 18.14 4.04 -6.21
N VAL A 2 18.14 5.29 -5.81
CA VAL A 2 17.11 6.28 -6.10
C VAL A 2 17.92 7.47 -6.58
N GLN A 3 17.54 8.09 -7.69
CA GLN A 3 18.18 9.29 -8.18
C GLN A 3 17.13 10.37 -7.94
N VAL A 4 17.47 11.50 -7.32
CA VAL A 4 16.55 12.59 -7.04
C VAL A 4 16.99 13.78 -7.92
N GLU A 5 16.19 14.25 -8.87
CA GLU A 5 16.55 15.39 -9.71
C GLU A 5 15.52 16.50 -9.45
N THR A 6 15.92 17.69 -9.01
CA THR A 6 15.00 18.78 -8.72
C THR A 6 14.25 19.35 -9.93
N ILE A 7 12.92 19.44 -9.82
CA ILE A 7 12.10 20.13 -10.80
C ILE A 7 11.98 21.54 -10.23
N SER A 8 11.63 21.74 -8.98
CA SER A 8 11.59 23.07 -8.39
C SER A 8 11.98 22.92 -6.94
N PRO A 9 12.75 23.85 -6.40
CA PRO A 9 13.30 23.70 -5.08
C PRO A 9 12.32 23.84 -3.94
N GLY A 10 12.69 23.15 -2.85
CA GLY A 10 12.01 23.30 -1.58
C GLY A 10 12.68 24.39 -0.77
N ASP A 11 12.49 24.43 0.54
CA ASP A 11 13.15 25.46 1.33
C ASP A 11 14.60 25.17 1.62
N GLY A 12 15.14 24.02 1.27
CA GLY A 12 16.55 23.72 1.50
C GLY A 12 16.92 23.43 2.95
N ARG A 13 15.98 23.32 3.90
CA ARG A 13 16.34 23.00 5.26
C ARG A 13 15.43 22.13 6.06
N THR A 14 14.16 22.01 5.70
CA THR A 14 13.28 21.08 6.38
C THR A 14 13.19 19.75 5.63
N PHE A 15 14.00 18.78 6.07
CA PHE A 15 14.08 17.44 5.50
C PHE A 15 13.32 16.45 6.37
N PRO A 16 12.66 15.42 5.83
CA PRO A 16 11.92 14.43 6.59
C PRO A 16 12.83 13.64 7.56
N LYS A 17 12.34 13.37 8.76
CA LYS A 17 13.04 12.59 9.74
C LYS A 17 12.19 11.36 10.08
N ARG A 18 12.85 10.31 10.61
CA ARG A 18 12.15 9.10 11.03
C ARG A 18 11.13 9.46 12.07
N GLY A 19 9.96 8.89 11.86
CA GLY A 19 8.83 9.09 12.72
C GLY A 19 7.97 10.23 12.24
N GLN A 20 8.33 11.00 11.21
CA GLN A 20 7.45 12.05 10.69
C GLN A 20 6.65 11.47 9.53
N THR A 21 5.47 12.04 9.28
CA THR A 21 4.60 11.72 8.16
C THR A 21 4.85 12.69 7.02
N CYS A 22 5.20 12.16 5.86
CA CYS A 22 5.39 12.97 4.64
C CYS A 22 4.06 13.00 3.94
N VAL A 23 3.64 14.18 3.53
CA VAL A 23 2.40 14.34 2.78
C VAL A 23 2.85 14.77 1.38
N VAL A 24 2.57 13.98 0.33
CA VAL A 24 3.03 14.26 -1.03
C VAL A 24 1.95 14.19 -2.09
N HIS A 25 2.13 14.85 -3.23
CA HIS A 25 1.31 14.56 -4.39
C HIS A 25 2.28 13.94 -5.37
N TYR A 26 1.92 12.91 -6.13
CA TYR A 26 2.87 12.31 -7.06
C TYR A 26 2.09 11.72 -8.21
N THR A 27 2.83 11.42 -9.26
CA THR A 27 2.32 10.62 -10.35
C THR A 27 3.41 9.56 -10.49
N GLY A 28 3.10 8.27 -10.69
CA GLY A 28 4.10 7.24 -10.87
C GLY A 28 4.07 6.74 -12.30
N MET A 29 5.19 6.58 -12.96
CA MET A 29 5.27 6.09 -14.33
C MET A 29 6.26 4.93 -14.39
N LEU A 30 6.04 3.96 -15.28
CA LEU A 30 7.04 2.97 -15.57
C LEU A 30 8.00 3.72 -16.47
N GLU A 31 9.23 3.31 -16.57
CA GLU A 31 10.20 4.06 -17.36
C GLU A 31 9.85 4.17 -18.87
N ASP A 32 8.90 3.42 -19.43
CA ASP A 32 8.48 3.62 -20.81
C ASP A 32 7.43 4.76 -20.90
N GLY A 33 7.14 5.46 -19.80
CA GLY A 33 6.19 6.54 -19.79
C GLY A 33 4.82 6.08 -19.33
N LYS A 34 4.47 4.80 -19.29
CA LYS A 34 3.13 4.39 -18.88
C LYS A 34 2.83 4.77 -17.43
N LYS A 35 1.78 5.55 -17.20
CA LYS A 35 1.39 5.94 -15.87
C LYS A 35 0.73 4.79 -15.13
N PHE A 36 1.10 4.45 -13.89
CA PHE A 36 0.42 3.37 -13.24
C PHE A 36 -0.33 3.86 -12.02
N ASP A 37 -0.13 5.09 -11.55
CA ASP A 37 -0.80 5.54 -10.35
C ASP A 37 -0.59 7.03 -10.16
N SER A 38 -1.48 7.70 -9.46
CA SER A 38 -1.33 9.11 -9.16
C SER A 38 -2.22 9.52 -8.00
N SER A 39 -1.74 10.25 -7.00
CA SER A 39 -2.58 10.71 -5.92
C SER A 39 -3.53 11.82 -6.37
N ARG A 40 -3.14 12.54 -7.43
CA ARG A 40 -3.92 13.62 -8.00
C ARG A 40 -5.24 13.09 -8.53
N ASP A 41 -5.24 11.88 -9.07
CA ASP A 41 -6.44 11.26 -9.58
C ASP A 41 -7.35 10.82 -8.46
N ARG A 42 -6.86 10.65 -7.23
CA ARG A 42 -7.69 10.30 -6.09
C ARG A 42 -8.06 11.55 -5.33
N ASN A 43 -7.47 12.67 -5.76
CA ASN A 43 -7.64 13.97 -5.17
C ASN A 43 -7.35 14.01 -3.69
N LYS A 44 -6.51 13.13 -3.16
CA LYS A 44 -6.12 13.13 -1.76
C LYS A 44 -4.61 13.01 -1.80
N PRO A 45 -3.80 13.71 -1.00
CA PRO A 45 -2.37 13.48 -0.91
C PRO A 45 -2.10 12.08 -0.36
N PHE A 46 -0.97 11.53 -0.77
CA PHE A 46 -0.49 10.26 -0.28
C PHE A 46 0.27 10.59 1.00
N LYS A 47 0.13 9.80 2.06
CA LYS A 47 0.83 10.08 3.30
C LYS A 47 1.55 8.83 3.71
N PHE A 48 2.75 8.90 4.27
CA PHE A 48 3.41 7.71 4.81
C PHE A 48 4.36 8.20 5.87
N MET A 49 4.68 7.35 6.84
CA MET A 49 5.56 7.73 7.91
C MET A 49 6.90 7.10 7.69
N LEU A 50 7.91 7.92 7.84
CA LEU A 50 9.29 7.43 7.73
C LEU A 50 9.61 6.54 8.93
N GLY A 51 10.10 5.35 8.67
CA GLY A 51 10.46 4.42 9.70
C GLY A 51 9.32 3.45 9.94
N LYS A 52 8.14 3.60 9.38
CA LYS A 52 7.05 2.70 9.70
C LYS A 52 7.06 1.45 8.82
N GLN A 53 8.02 1.19 7.92
CA GLN A 53 8.07 -0.02 7.08
C GLN A 53 6.80 -0.24 6.27
N GLU A 54 6.28 0.85 5.72
CA GLU A 54 5.06 0.76 4.96
C GLU A 54 5.14 1.25 3.52
N VAL A 55 6.31 1.55 2.94
CA VAL A 55 6.45 1.95 1.54
C VAL A 55 7.74 1.30 1.02
N ILE A 56 7.88 1.26 -0.30
CA ILE A 56 9.07 0.69 -0.90
C ILE A 56 10.26 1.54 -0.53
N ARG A 57 11.46 0.97 -0.61
CA ARG A 57 12.67 1.65 -0.19
C ARG A 57 12.93 2.95 -0.93
N GLY A 58 12.65 2.98 -2.23
CA GLY A 58 12.83 4.16 -3.08
C GLY A 58 12.03 5.37 -2.60
N TRP A 59 10.84 5.20 -2.03
CA TRP A 59 10.08 6.31 -1.46
C TRP A 59 10.79 6.89 -0.23
N GLU A 60 11.23 6.02 0.69
CA GLU A 60 11.83 6.49 1.93
C GLU A 60 13.14 7.16 1.69
N GLU A 61 13.97 6.55 0.85
CA GLU A 61 15.27 7.16 0.59
C GLU A 61 15.20 8.32 -0.36
N GLY A 62 14.22 8.32 -1.25
CA GLY A 62 14.04 9.45 -2.14
C GLY A 62 13.52 10.67 -1.39
N VAL A 63 12.41 10.56 -0.67
CA VAL A 63 11.84 11.69 0.07
C VAL A 63 12.74 12.18 1.19
N ALA A 64 13.54 11.33 1.81
CA ALA A 64 14.47 11.76 2.82
C ALA A 64 15.43 12.80 2.29
N GLN A 65 15.65 12.83 0.99
CA GLN A 65 16.55 13.79 0.40
C GLN A 65 15.90 15.08 -0.09
N MET A 66 14.60 15.23 0.11
CA MET A 66 13.86 16.37 -0.39
C MET A 66 13.55 17.32 0.74
N SER A 67 13.41 18.64 0.51
CA SER A 67 13.01 19.54 1.57
C SER A 67 11.56 19.92 1.32
N VAL A 68 10.83 20.44 2.32
CA VAL A 68 9.44 20.78 2.14
C VAL A 68 9.28 21.81 1.03
N GLY A 69 8.28 21.61 0.17
CA GLY A 69 8.03 22.48 -0.97
C GLY A 69 8.72 22.03 -2.28
N GLN A 70 9.64 21.07 -2.19
CA GLN A 70 10.37 20.62 -3.34
C GLN A 70 9.54 19.71 -4.24
N ARG A 71 9.75 19.86 -5.55
CA ARG A 71 9.18 18.95 -6.53
C ARG A 71 10.35 18.30 -7.21
N ALA A 72 10.34 16.99 -7.39
CA ALA A 72 11.49 16.28 -7.87
C ALA A 72 11.06 15.07 -8.67
N LYS A 73 11.94 14.63 -9.54
CA LYS A 73 11.77 13.44 -10.33
C LYS A 73 12.62 12.42 -9.58
N LEU A 74 12.05 11.26 -9.21
CA LEU A 74 12.79 10.20 -8.54
C LEU A 74 12.82 9.05 -9.53
N THR A 75 13.98 8.51 -9.83
CA THR A 75 14.13 7.30 -10.63
C THR A 75 14.59 6.20 -9.67
N ILE A 76 13.83 5.11 -9.57
CA ILE A 76 14.05 4.05 -8.59
C ILE A 76 14.35 2.73 -9.30
N SER A 77 15.54 2.13 -9.09
CA SER A 77 15.88 0.87 -9.72
C SER A 77 15.01 -0.24 -9.11
N PRO A 78 14.84 -1.43 -9.72
CA PRO A 78 13.93 -2.47 -9.25
C PRO A 78 14.33 -2.94 -7.84
N ASP A 79 15.62 -2.99 -7.52
CA ASP A 79 16.01 -3.43 -6.19
C ASP A 79 15.62 -2.47 -5.07
N TYR A 80 15.15 -1.24 -5.39
CA TYR A 80 14.69 -0.28 -4.39
C TYR A 80 13.17 -0.14 -4.54
N ALA A 81 12.51 -1.03 -5.31
CA ALA A 81 11.08 -0.94 -5.56
C ALA A 81 10.47 -2.33 -5.41
N TYR A 82 9.96 -2.99 -6.44
CA TYR A 82 9.27 -4.27 -6.30
C TYR A 82 10.10 -5.43 -6.79
N GLY A 83 11.33 -5.13 -7.16
CA GLY A 83 12.30 -6.15 -7.53
C GLY A 83 11.88 -7.09 -8.63
N ALA A 84 12.34 -8.31 -8.43
CA ALA A 84 12.05 -9.33 -9.39
C ALA A 84 10.56 -9.72 -9.39
N THR A 85 9.73 -9.48 -8.37
CA THR A 85 8.34 -9.96 -8.38
C THR A 85 7.39 -9.02 -9.07
N GLY A 86 7.69 -7.73 -8.90
CA GLY A 86 6.81 -6.70 -9.41
C GLY A 86 5.65 -6.70 -8.46
N HIS A 87 4.58 -6.11 -8.92
CA HIS A 87 3.36 -6.12 -8.15
C HIS A 87 2.42 -6.59 -9.23
N PRO A 88 2.08 -7.88 -9.24
CA PRO A 88 1.38 -8.55 -10.30
C PRO A 88 0.18 -7.80 -10.80
N GLY A 89 0.32 -7.56 -12.10
CA GLY A 89 -0.69 -6.84 -12.84
C GLY A 89 -0.60 -5.32 -12.78
N ILE A 90 0.21 -4.72 -11.91
CA ILE A 90 0.36 -3.27 -11.82
C ILE A 90 1.78 -2.92 -12.28
N ILE A 91 2.79 -3.50 -11.61
CA ILE A 91 4.20 -3.20 -11.85
C ILE A 91 4.78 -4.48 -12.42
N PRO A 92 5.38 -4.54 -13.60
CA PRO A 92 6.06 -5.73 -14.11
C PRO A 92 7.32 -6.11 -13.32
N PRO A 93 7.81 -7.35 -13.43
CA PRO A 93 9.11 -7.78 -12.91
C PRO A 93 10.23 -6.85 -13.37
N HIS A 94 11.17 -6.56 -12.48
CA HIS A 94 12.37 -5.80 -12.81
C HIS A 94 12.11 -4.42 -13.39
N ALA A 95 11.11 -3.72 -12.87
CA ALA A 95 10.76 -2.41 -13.39
C ALA A 95 11.46 -1.25 -12.69
N THR A 96 12.06 -0.34 -13.45
CA THR A 96 12.57 0.92 -12.94
C THR A 96 11.37 1.85 -12.92
N LEU A 97 11.16 2.55 -11.82
CA LEU A 97 10.00 3.42 -11.71
C LEU A 97 10.41 4.87 -11.74
N VAL A 98 9.54 5.72 -12.26
CA VAL A 98 9.83 7.15 -12.29
C VAL A 98 8.70 7.86 -11.58
N PHE A 99 8.95 8.69 -10.57
CA PHE A 99 7.90 9.40 -9.88
C PHE A 99 8.13 10.90 -10.03
N ASP A 100 7.07 11.66 -10.23
CA ASP A 100 7.15 13.11 -10.20
C ASP A 100 6.52 13.39 -8.83
N VAL A 101 7.26 13.88 -7.83
CA VAL A 101 6.78 14.01 -6.46
C VAL A 101 6.87 15.45 -5.98
N GLU A 102 5.91 15.90 -5.20
CA GLU A 102 5.96 17.18 -4.55
C GLU A 102 5.80 16.97 -3.05
N LEU A 103 6.75 17.37 -2.21
CA LEU A 103 6.61 17.19 -0.79
C LEU A 103 5.88 18.43 -0.30
N LEU A 104 4.63 18.20 0.09
CA LEU A 104 3.74 19.26 0.50
C LEU A 104 3.96 19.66 1.94
N LYS A 105 4.12 18.74 2.88
CA LYS A 105 4.28 19.08 4.27
C LYS A 105 4.64 17.86 5.06
N LEU A 106 5.13 18.07 6.27
CA LEU A 106 5.51 17.00 7.16
C LEU A 106 4.58 17.10 8.35
N GLU A 107 4.12 16.03 9.00
CA GLU A 107 3.33 16.18 10.22
C GLU A 107 3.59 15.03 11.21
N GLY B 1 -9.21 -20.55 10.75
CA GLY B 1 -9.68 -20.26 9.41
C GLY B 1 -9.89 -18.77 9.40
N VAL B 2 -10.80 -18.24 8.60
CA VAL B 2 -11.10 -16.82 8.63
C VAL B 2 -12.57 -16.70 8.99
N GLN B 3 -12.96 -15.76 9.84
CA GLN B 3 -14.37 -15.47 10.10
C GLN B 3 -14.69 -14.16 9.40
N VAL B 4 -15.80 -14.03 8.66
CA VAL B 4 -16.15 -12.80 7.99
C VAL B 4 -17.39 -12.27 8.70
N GLU B 5 -17.43 -11.04 9.21
CA GLU B 5 -18.64 -10.50 9.81
C GLU B 5 -18.93 -9.20 9.06
N THR B 6 -20.07 -9.00 8.44
CA THR B 6 -20.32 -7.81 7.67
C THR B 6 -20.54 -6.58 8.55
N ILE B 7 -19.87 -5.48 8.22
CA ILE B 7 -20.11 -4.20 8.86
C ILE B 7 -21.13 -3.51 7.94
N SER B 8 -20.94 -3.47 6.62
CA SER B 8 -21.88 -2.87 5.70
C SER B 8 -22.02 -3.84 4.55
N PRO B 9 -23.23 -4.12 4.04
CA PRO B 9 -23.42 -5.00 2.91
C PRO B 9 -23.04 -4.38 1.59
N GLY B 10 -22.59 -5.26 0.72
CA GLY B 10 -22.32 -4.86 -0.64
C GLY B 10 -23.52 -5.14 -1.51
N ASP B 11 -23.27 -5.30 -2.79
CA ASP B 11 -24.38 -5.54 -3.70
C ASP B 11 -24.89 -6.97 -3.73
N GLY B 12 -24.21 -7.95 -3.17
CA GLY B 12 -24.67 -9.34 -3.16
C GLY B 12 -24.68 -10.09 -4.48
N ARG B 13 -24.26 -9.47 -5.60
CA ARG B 13 -24.27 -10.10 -6.92
C ARG B 13 -22.86 -10.23 -7.53
N THR B 14 -22.00 -9.23 -7.29
CA THR B 14 -20.67 -9.20 -7.91
C THR B 14 -19.57 -9.64 -6.94
N PHE B 15 -19.10 -10.87 -7.08
CA PHE B 15 -18.08 -11.44 -6.24
C PHE B 15 -16.76 -11.55 -7.01
N PRO B 16 -15.58 -11.37 -6.38
CA PRO B 16 -14.28 -11.46 -7.03
C PRO B 16 -14.05 -12.80 -7.72
N LYS B 17 -13.57 -12.74 -8.96
CA LYS B 17 -13.17 -13.92 -9.72
C LYS B 17 -11.63 -13.94 -9.79
N ARG B 18 -10.96 -15.08 -10.02
CA ARG B 18 -9.52 -15.15 -10.19
C ARG B 18 -9.11 -14.36 -11.43
N GLY B 19 -7.96 -13.68 -11.42
CA GLY B 19 -7.59 -12.86 -12.55
C GLY B 19 -8.17 -11.47 -12.48
N GLN B 20 -9.15 -11.17 -11.61
CA GLN B 20 -9.64 -9.81 -11.46
C GLN B 20 -8.82 -9.00 -10.46
N THR B 21 -8.72 -7.68 -10.63
CA THR B 21 -8.04 -6.81 -9.70
C THR B 21 -9.01 -6.29 -8.65
N CYS B 22 -8.79 -6.65 -7.41
CA CYS B 22 -9.60 -6.16 -6.32
C CYS B 22 -8.97 -4.88 -5.80
N VAL B 23 -9.75 -3.84 -5.56
CA VAL B 23 -9.25 -2.60 -5.00
C VAL B 23 -9.95 -2.51 -3.65
N VAL B 24 -9.19 -2.52 -2.55
CA VAL B 24 -9.75 -2.52 -1.21
C VAL B 24 -9.14 -1.41 -0.37
N HIS B 25 -9.79 -1.01 0.73
CA HIS B 25 -9.15 -0.19 1.74
C HIS B 25 -9.16 -1.12 2.95
N TYR B 26 -8.12 -1.21 3.77
CA TYR B 26 -8.10 -2.14 4.90
C TYR B 26 -7.49 -1.45 6.12
N THR B 27 -7.84 -1.91 7.31
CA THR B 27 -7.14 -1.53 8.51
C THR B 27 -6.83 -2.88 9.19
N GLY B 28 -5.60 -3.13 9.61
CA GLY B 28 -5.22 -4.37 10.22
C GLY B 28 -4.97 -4.10 11.69
N MET B 29 -5.45 -5.02 12.52
CA MET B 29 -5.32 -4.92 13.95
C MET B 29 -4.93 -6.28 14.47
N LEU B 30 -4.17 -6.30 15.54
CA LEU B 30 -3.88 -7.54 16.19
C LEU B 30 -5.12 -7.86 17.05
N GLU B 31 -5.42 -9.12 17.38
CA GLU B 31 -6.54 -9.52 18.27
C GLU B 31 -6.65 -8.66 19.51
N ASP B 32 -5.53 -8.27 20.12
CA ASP B 32 -5.56 -7.34 21.26
C ASP B 32 -6.10 -5.93 20.94
N GLY B 33 -6.10 -5.49 19.68
CA GLY B 33 -6.66 -4.20 19.30
C GLY B 33 -5.60 -3.22 18.83
N LYS B 34 -4.28 -3.52 18.87
CA LYS B 34 -3.24 -2.62 18.38
C LYS B 34 -3.28 -2.65 16.85
N LYS B 35 -3.51 -1.50 16.24
CA LYS B 35 -3.54 -1.35 14.80
C LYS B 35 -2.13 -1.39 14.35
N PHE B 36 -1.84 -2.24 13.37
CA PHE B 36 -0.49 -2.28 12.88
C PHE B 36 -0.36 -1.69 11.47
N ASP B 37 -1.44 -1.50 10.73
CA ASP B 37 -1.34 -1.01 9.35
C ASP B 37 -2.69 -0.55 8.86
N SER B 38 -2.69 0.41 7.95
CA SER B 38 -3.94 0.83 7.35
C SER B 38 -3.67 1.51 6.02
N SER B 39 -4.36 1.11 4.96
CA SER B 39 -4.23 1.78 3.68
C SER B 39 -5.01 3.09 3.72
N ARG B 40 -6.00 3.15 4.61
CA ARG B 40 -6.85 4.31 4.78
C ARG B 40 -5.94 5.44 5.31
N ASP B 41 -5.00 5.15 6.22
CA ASP B 41 -4.05 6.15 6.67
C ASP B 41 -3.11 6.70 5.61
N ARG B 42 -2.83 5.96 4.53
CA ARG B 42 -1.94 6.45 3.50
C ARG B 42 -2.71 7.17 2.40
N ASN B 43 -4.04 7.14 2.48
CA ASN B 43 -4.94 7.65 1.47
C ASN B 43 -4.72 6.91 0.17
N LYS B 44 -4.49 5.59 0.20
CA LYS B 44 -4.27 4.86 -1.03
C LYS B 44 -4.77 3.44 -0.91
N PRO B 45 -5.79 3.03 -1.67
CA PRO B 45 -6.30 1.65 -1.77
C PRO B 45 -5.24 0.65 -2.17
N PHE B 46 -5.37 -0.56 -1.65
CA PHE B 46 -4.49 -1.64 -2.00
C PHE B 46 -5.18 -2.34 -3.18
N LYS B 47 -4.47 -2.54 -4.29
CA LYS B 47 -5.00 -3.21 -5.47
C LYS B 47 -4.25 -4.52 -5.63
N PHE B 48 -4.88 -5.65 -5.82
CA PHE B 48 -4.14 -6.87 -6.03
C PHE B 48 -4.97 -7.73 -6.95
N MET B 49 -4.33 -8.67 -7.62
CA MET B 49 -5.00 -9.57 -8.54
C MET B 49 -5.28 -10.82 -7.73
N LEU B 50 -6.55 -11.21 -7.66
CA LEU B 50 -6.93 -12.35 -6.86
C LEU B 50 -6.41 -13.60 -7.54
N GLY B 51 -5.64 -14.42 -6.85
CA GLY B 51 -5.09 -15.63 -7.41
C GLY B 51 -3.64 -15.47 -7.80
N LYS B 52 -3.30 -14.33 -8.39
CA LYS B 52 -1.92 -14.04 -8.69
C LYS B 52 -1.11 -13.47 -7.55
N GLN B 53 -1.66 -12.56 -6.74
CA GLN B 53 -0.89 -11.95 -5.68
C GLN B 53 -0.74 -12.92 -4.51
N GLU B 54 0.46 -13.03 -3.96
CA GLU B 54 0.71 -13.89 -2.82
C GLU B 54 0.21 -13.25 -1.54
N VAL B 55 -0.89 -13.71 -0.98
CA VAL B 55 -1.41 -13.10 0.23
C VAL B 55 -1.61 -14.22 1.25
N ILE B 56 -1.73 -13.86 2.52
CA ILE B 56 -2.06 -14.84 3.52
C ILE B 56 -3.42 -15.49 3.16
N ARG B 57 -3.53 -16.78 3.46
CA ARG B 57 -4.68 -17.60 3.14
C ARG B 57 -6.00 -17.03 3.58
N GLY B 58 -6.06 -16.49 4.82
CA GLY B 58 -7.27 -15.90 5.32
C GLY B 58 -7.76 -14.73 4.48
N TRP B 59 -6.86 -13.98 3.87
CA TRP B 59 -7.26 -12.81 3.10
C TRP B 59 -7.86 -13.24 1.79
N GLU B 60 -7.21 -14.23 1.18
CA GLU B 60 -7.67 -14.76 -0.08
C GLU B 60 -9.07 -15.36 0.11
N GLU B 61 -9.27 -16.22 1.11
CA GLU B 61 -10.57 -16.79 1.35
C GLU B 61 -11.64 -15.82 1.79
N GLY B 62 -11.26 -14.84 2.61
CA GLY B 62 -12.19 -13.86 3.11
C GLY B 62 -12.66 -12.93 2.02
N VAL B 63 -11.79 -12.29 1.23
CA VAL B 63 -12.18 -11.35 0.18
C VAL B 63 -12.98 -12.00 -0.93
N ALA B 64 -12.70 -13.28 -1.18
CA ALA B 64 -13.43 -14.06 -2.15
C ALA B 64 -14.93 -14.18 -1.89
N GLN B 65 -15.33 -14.10 -0.63
CA GLN B 65 -16.73 -14.15 -0.23
C GLN B 65 -17.36 -12.78 -0.12
N MET B 66 -16.69 -11.68 -0.48
CA MET B 66 -17.26 -10.37 -0.29
C MET B 66 -17.84 -9.90 -1.59
N SER B 67 -18.92 -9.14 -1.62
CA SER B 67 -19.35 -8.61 -2.89
C SER B 67 -18.93 -7.15 -2.94
N VAL B 68 -18.94 -6.54 -4.12
CA VAL B 68 -18.54 -5.15 -4.26
C VAL B 68 -19.36 -4.20 -3.41
N GLY B 69 -18.64 -3.33 -2.68
CA GLY B 69 -19.22 -2.33 -1.81
C GLY B 69 -19.27 -2.80 -0.37
N GLN B 70 -19.02 -4.08 -0.10
CA GLN B 70 -19.15 -4.60 1.24
C GLN B 70 -17.98 -4.19 2.10
N ARG B 71 -18.25 -3.93 3.36
CA ARG B 71 -17.21 -3.66 4.32
C ARG B 71 -17.40 -4.78 5.33
N ALA B 72 -16.36 -5.50 5.69
CA ALA B 72 -16.50 -6.67 6.56
C ALA B 72 -15.30 -6.75 7.47
N LYS B 73 -15.42 -7.54 8.52
CA LYS B 73 -14.34 -7.72 9.46
C LYS B 73 -13.92 -9.16 9.30
N LEU B 74 -12.66 -9.43 8.95
CA LEU B 74 -12.12 -10.77 8.80
C LEU B 74 -11.31 -11.05 10.04
N THR B 75 -11.60 -12.09 10.81
CA THR B 75 -10.77 -12.44 11.96
C THR B 75 -10.09 -13.70 11.50
N ILE B 76 -8.76 -13.65 11.45
CA ILE B 76 -7.94 -14.67 10.84
C ILE B 76 -7.06 -15.33 11.88
N SER B 77 -7.18 -16.66 11.98
CA SER B 77 -6.34 -17.44 12.90
C SER B 77 -4.88 -17.45 12.42
N PRO B 78 -3.83 -17.51 13.25
CA PRO B 78 -2.43 -17.44 12.83
C PRO B 78 -2.03 -18.45 11.78
N ASP B 79 -2.58 -19.66 11.75
CA ASP B 79 -2.30 -20.64 10.68
C ASP B 79 -2.87 -20.21 9.34
N TYR B 80 -3.79 -19.25 9.31
CA TYR B 80 -4.26 -18.72 8.04
C TYR B 80 -3.61 -17.39 7.76
N ALA B 81 -2.60 -17.02 8.54
CA ALA B 81 -1.98 -15.73 8.43
C ALA B 81 -0.47 -15.94 8.52
N TYR B 82 0.31 -15.42 9.48
CA TYR B 82 1.77 -15.53 9.43
C TYR B 82 2.33 -16.61 10.34
N GLY B 83 1.41 -17.41 10.88
CA GLY B 83 1.71 -18.57 11.69
C GLY B 83 2.61 -18.29 12.86
N ALA B 84 3.52 -19.23 12.98
CA ALA B 84 4.48 -19.29 14.05
C ALA B 84 5.59 -18.25 14.00
N THR B 85 5.99 -17.80 12.82
CA THR B 85 7.05 -16.80 12.72
C THR B 85 6.60 -15.34 12.81
N GLY B 86 5.43 -15.03 12.25
CA GLY B 86 5.00 -13.65 12.28
C GLY B 86 5.65 -13.00 11.07
N HIS B 87 5.74 -11.69 11.04
CA HIS B 87 6.34 -11.00 9.91
C HIS B 87 7.22 -9.99 10.61
N PRO B 88 8.55 -10.14 10.63
CA PRO B 88 9.48 -9.31 11.39
C PRO B 88 9.19 -7.85 11.30
N GLY B 89 9.05 -7.34 12.50
CA GLY B 89 8.90 -5.92 12.66
C GLY B 89 7.46 -5.46 12.61
N ILE B 90 6.49 -6.31 12.24
CA ILE B 90 5.09 -5.89 12.12
C ILE B 90 4.18 -6.91 12.81
N ILE B 91 4.24 -8.21 12.55
CA ILE B 91 3.31 -9.16 13.15
C ILE B 91 4.13 -10.05 14.05
N PRO B 92 3.80 -10.22 15.32
CA PRO B 92 4.33 -11.23 16.21
C PRO B 92 4.02 -12.69 15.84
N PRO B 93 4.83 -13.67 16.26
CA PRO B 93 4.52 -15.09 16.23
C PRO B 93 3.17 -15.43 16.79
N HIS B 94 2.49 -16.36 16.13
CA HIS B 94 1.21 -16.87 16.55
C HIS B 94 0.06 -15.85 16.67
N ALA B 95 0.02 -14.79 15.88
CA ALA B 95 -0.99 -13.78 16.06
C ALA B 95 -2.28 -14.00 15.29
N THR B 96 -3.41 -13.72 15.95
CA THR B 96 -4.71 -13.70 15.29
C THR B 96 -4.85 -12.26 14.79
N LEU B 97 -5.25 -12.08 13.54
CA LEU B 97 -5.36 -10.77 12.94
C LEU B 97 -6.84 -10.43 12.71
N VAL B 98 -7.17 -9.16 12.82
CA VAL B 98 -8.52 -8.69 12.57
C VAL B 98 -8.34 -7.66 11.45
N PHE B 99 -8.97 -7.84 10.31
CA PHE B 99 -8.89 -6.86 9.24
C PHE B 99 -10.25 -6.22 9.00
N ASP B 100 -10.34 -4.90 8.96
CA ASP B 100 -11.55 -4.21 8.56
C ASP B 100 -11.29 -3.91 7.07
N VAL B 101 -12.00 -4.59 6.18
CA VAL B 101 -11.77 -4.55 4.73
C VAL B 101 -12.96 -3.96 4.01
N GLU B 102 -12.77 -3.06 3.05
CA GLU B 102 -13.86 -2.62 2.23
C GLU B 102 -13.51 -2.93 0.79
N LEU B 103 -14.34 -3.68 0.08
CA LEU B 103 -14.06 -4.05 -1.28
C LEU B 103 -14.66 -2.96 -2.12
N LEU B 104 -13.81 -2.05 -2.61
CA LEU B 104 -14.24 -0.87 -3.30
C LEU B 104 -14.62 -1.05 -4.76
N LYS B 105 -13.98 -1.95 -5.51
CA LYS B 105 -14.17 -1.98 -6.95
C LYS B 105 -13.49 -3.22 -7.47
N LEU B 106 -13.98 -3.83 -8.54
CA LEU B 106 -13.27 -4.90 -9.21
C LEU B 106 -13.02 -4.36 -10.61
N GLU B 107 -11.78 -4.52 -11.06
CA GLU B 107 -11.34 -4.10 -12.38
C GLU B 107 -10.99 -5.46 -13.01
O1 FKA C . 0.10 -8.98 2.54
C1 FKA C . -0.93 -9.73 2.89
O2 FKA C . -1.09 -10.88 2.44
C2 FKA C . -1.92 -9.13 3.86
C3 FKA C . -3.25 -8.94 3.18
C4 FKA C . -3.35 -7.72 2.28
C5 FKA C . -2.89 -6.49 3.00
C6 FKA C . -1.47 -6.76 3.34
N1 FKA C . -1.50 -7.81 4.34
C7 FKA C . -1.02 -7.63 5.56
O3 FKA C . -0.93 -8.63 6.28
C8 FKA C . -0.65 -6.34 6.02
O4 FKA C . -1.48 -5.56 6.51
C9 FKA C . 0.78 -5.84 5.95
C10 FKA C . 1.83 -6.97 6.00
C11 FKA C . 3.12 -6.44 5.42
C12 FKA C . 3.01 -5.66 4.12
C13 FKA C . 1.98 -4.52 4.30
O5 FKA C . 0.76 -5.16 4.69
O6 FKA C . 1.08 -4.95 7.01
C34 FKA C . 2.06 -7.48 7.41
O7 FKA C . 4.31 -5.20 3.71
C42 FKA C . 5.12 -6.28 3.17
C14 FKA C . 1.62 -3.70 3.05
O8 FKA C . 2.62 -2.73 2.75
C43 FKA C . 2.46 -1.53 3.54
C15 FKA C . 1.39 -4.63 1.83
C16 FKA C . 0.89 -3.98 0.53
C35 FKA C . -0.24 -3.00 0.83
C17 FKA C . 2.08 -3.29 -0.19
C18 FKA C . 2.95 -4.30 -0.97
C36 FKA C . 2.48 -4.54 -2.40
C19 FKA C . 4.00 -4.88 -0.41
C20 FKA C . 4.80 -5.98 -1.07
C37 FKA C . 6.27 -5.83 -0.80
C21 FKA C . 4.34 -7.28 -0.48
O9 FKA C . 4.84 -7.77 0.54
C22 FKA C . 3.20 -7.95 -1.21
C23 FKA C . 2.47 -8.99 -0.41
O10 FKA C . 1.69 -9.67 -1.37
C24 FKA C . 1.47 -8.41 0.67
C40 FKA C . 0.25 -7.73 0.06
C25 FKA C . 0.91 -9.56 1.50
C26 FKA C . 1.99 -10.36 2.18
C41 FKA C . 2.88 -9.67 3.22
C27 FKA C . 2.12 -11.61 1.84
C28 FKA C . 3.17 -12.48 2.46
C29 FKA C . 2.54 -13.76 2.95
C30 FKA C . 3.54 -14.76 3.46
C31 FKA C . 4.51 -15.08 2.35
C32 FKA C . 5.19 -13.82 1.83
C33 FKA C . 4.19 -12.78 1.38
O11 FKA C . 3.00 -15.97 3.98
C44 FKA C . 2.53 -15.88 5.34
O12 FKA C . 5.52 -15.96 2.85
C51 FKA C . 6.95 -4.79 -1.71
O17 FKA C . 8.25 -4.84 -1.46
C50 FKA C . 8.93 -5.35 -2.46
O23 FKA C . 8.38 -5.87 -3.44
N2 FKA C . 10.25 -5.25 -2.29
C49 FKA C . 11.09 -5.62 -3.41
C47 FKA C . 12.45 -6.08 -3.23
C46 FKA C . 12.66 -6.92 -2.16
C45 FKA C . 13.92 -7.40 -1.89
C39 FKA C . 14.99 -7.03 -2.67
C38 FKA C . 14.78 -6.19 -3.74
C48 FKA C . 13.52 -5.70 -4.02
HO6 FKA C . 0.38 -4.93 7.66
HO0 FKA C . 1.57 -10.59 -1.08
HO2 FKA C . 5.10 -16.69 3.31
HN2 FKA C . 10.60 -4.78 -1.50
#